data_3HJ7
#
_entry.id   3HJ7
#
_cell.length_a   72.880
_cell.length_b   72.880
_cell.length_c   172.740
_cell.angle_alpha   90.00
_cell.angle_beta   90.00
_cell.angle_gamma   120.00
#
_symmetry.space_group_name_H-M   'P 64 2 2'
#
loop_
_entity.id
_entity.type
_entity.pdbx_description
1 polymer 'tRNA(Ile)-lysidine synthase'
2 non-polymer 'CHLORIDE ION'
3 water water
#
_entity_poly.entity_id   1
_entity_poly.type   'polypeptide(L)'
_entity_poly.pdbx_seq_one_letter_code
;MSGEKGYWFELPVPALLPLPNGYAIISEFGEHYPRKQAGNDWFVVDPASVSLPLRVRTRRRGDRMVLKGTGGTKKLKEIF
IEAKIPRMERDRWPIVEDADGRILWVPGLKKSAFEAQNRGQARYILLQYQAMNSLEHHHHHH
;
_entity_poly.pdbx_strand_id   A
#
# COMPACT_ATOMS: atom_id res chain seq x y z
N LYS A 5 15.21 -12.99 -2.38
CA LYS A 5 14.74 -12.20 -1.24
C LYS A 5 13.29 -11.72 -1.39
N GLY A 6 12.56 -12.33 -2.34
CA GLY A 6 11.16 -11.98 -2.56
C GLY A 6 10.18 -12.56 -1.54
N TYR A 7 9.02 -11.94 -1.40
CA TYR A 7 7.97 -12.47 -0.54
C TYR A 7 6.55 -12.16 -1.03
N TRP A 8 5.55 -12.74 -0.37
CA TRP A 8 4.15 -12.63 -0.78
C TRP A 8 3.27 -13.01 0.41
N PHE A 9 2.38 -12.10 0.81
CA PHE A 9 1.46 -12.36 1.93
C PHE A 9 0.03 -11.99 1.56
N GLU A 10 -0.91 -12.85 1.92
CA GLU A 10 -2.32 -12.48 1.93
C GLU A 10 -2.44 -11.64 3.18
N LEU A 11 -3.13 -10.51 3.10
CA LEU A 11 -3.19 -9.57 4.22
C LEU A 11 -4.52 -9.62 4.95
N PRO A 12 -4.55 -10.28 6.11
CA PRO A 12 -5.79 -10.32 6.89
C PRO A 12 -6.07 -8.96 7.49
N VAL A 13 -7.29 -8.76 7.98
CA VAL A 13 -7.63 -7.58 8.74
C VAL A 13 -8.68 -7.94 9.78
N PRO A 14 -8.38 -7.65 11.05
CA PRO A 14 -7.17 -6.94 11.49
C PRO A 14 -5.93 -7.83 11.44
N ALA A 15 -4.77 -7.20 11.53
CA ALA A 15 -3.51 -7.93 11.54
C ALA A 15 -2.35 -6.95 11.70
N LEU A 16 -1.27 -7.45 12.29
CA LEU A 16 0.01 -6.77 12.26
C LEU A 16 0.94 -7.75 11.59
N LEU A 17 1.55 -7.32 10.49
CA LEU A 17 2.28 -8.22 9.60
C LEU A 17 3.74 -7.80 9.48
N PRO A 18 4.63 -8.44 10.26
CA PRO A 18 6.08 -8.16 10.16
C PRO A 18 6.62 -8.62 8.81
N LEU A 19 7.52 -7.83 8.23
CA LEU A 19 8.00 -8.07 6.88
C LEU A 19 9.51 -8.27 6.91
N PRO A 20 10.05 -9.05 5.95
CA PRO A 20 11.49 -9.37 5.96
C PRO A 20 12.36 -8.12 5.86
N ASN A 21 11.78 -6.96 5.59
CA ASN A 21 12.58 -5.74 5.45
C ASN A 21 12.68 -4.95 6.74
N GLY A 22 12.12 -5.48 7.82
CA GLY A 22 12.20 -4.84 9.11
C GLY A 22 11.07 -3.87 9.41
N TYR A 23 10.11 -3.79 8.50
CA TYR A 23 8.93 -2.95 8.71
C TYR A 23 7.70 -3.83 8.91
N ALA A 24 6.62 -3.21 9.37
CA ALA A 24 5.35 -3.92 9.54
C ALA A 24 4.23 -3.18 8.85
N ILE A 25 3.23 -3.94 8.42
CA ILE A 25 2.00 -3.34 7.95
C ILE A 25 0.91 -3.75 8.93
N ILE A 26 0.20 -2.75 9.44
CA ILE A 26 -0.89 -2.99 10.36
C ILE A 26 -2.20 -2.68 9.65
N SER A 27 -3.19 -3.54 9.85
CA SER A 27 -4.50 -3.37 9.24
C SER A 27 -5.56 -3.41 10.32
N GLU A 28 -6.69 -2.77 10.04
CA GLU A 28 -7.83 -2.81 10.94
C GLU A 28 -9.05 -2.22 10.25
N PHE A 29 -10.23 -2.50 10.79
CA PHE A 29 -11.44 -1.87 10.29
C PHE A 29 -11.68 -0.60 11.07
N GLY A 30 -12.23 0.40 10.41
CA GLY A 30 -12.57 1.66 11.05
C GLY A 30 -13.84 2.21 10.45
N GLU A 31 -14.61 2.93 11.25
CA GLU A 31 -15.89 3.44 10.82
C GLU A 31 -15.74 4.79 10.14
N HIS A 32 -14.73 5.54 10.54
CA HIS A 32 -14.56 6.92 10.12
C HIS A 32 -13.41 7.14 9.14
N TYR A 33 -13.59 8.11 8.24
CA TYR A 33 -12.53 8.49 7.33
C TYR A 33 -11.48 9.30 8.08
N PRO A 34 -10.19 8.99 7.86
CA PRO A 34 -9.07 9.62 8.58
C PRO A 34 -9.06 11.14 8.45
N ARG A 35 -8.52 11.81 9.47
CA ARG A 35 -8.46 13.28 9.52
C ARG A 35 -7.02 13.78 9.43
N LYS A 36 -6.07 12.86 9.56
CA LYS A 36 -4.67 13.22 9.65
C LYS A 36 -4.15 13.85 8.36
N GLN A 37 -3.00 14.51 8.46
CA GLN A 37 -2.39 15.11 7.28
C GLN A 37 -1.96 14.05 6.30
N ALA A 38 -2.18 14.33 5.02
CA ALA A 38 -1.78 13.42 3.95
C ALA A 38 -0.35 12.93 4.15
N GLY A 39 -0.15 11.63 4.00
CA GLY A 39 1.17 11.04 4.12
C GLY A 39 1.20 9.66 3.49
N ASN A 40 2.38 9.23 3.06
CA ASN A 40 2.49 7.96 2.31
C ASN A 40 2.56 6.70 3.19
N ASP A 41 2.71 6.87 4.51
CA ASP A 41 2.82 5.73 5.42
C ASP A 41 1.50 5.23 6.04
N TRP A 42 0.37 5.74 5.57
CA TRP A 42 -0.95 5.18 5.91
C TRP A 42 -1.79 5.10 4.64
N PHE A 43 -2.87 4.33 4.66
CA PHE A 43 -3.69 4.14 3.46
C PHE A 43 -5.10 3.75 3.84
N VAL A 44 -6.09 4.19 3.08
CA VAL A 44 -7.49 3.90 3.36
C VAL A 44 -8.15 3.14 2.22
N VAL A 45 -8.77 2.01 2.52
CA VAL A 45 -9.41 1.21 1.49
C VAL A 45 -10.89 1.10 1.74
N ASP A 46 -11.67 1.14 0.67
CA ASP A 46 -13.09 0.85 0.75
C ASP A 46 -13.29 -0.60 0.31
N PRO A 47 -13.61 -1.48 1.26
CA PRO A 47 -13.79 -2.90 0.95
C PRO A 47 -14.75 -3.09 -0.22
N ALA A 48 -15.83 -2.32 -0.22
CA ALA A 48 -16.87 -2.46 -1.25
C ALA A 48 -16.37 -2.16 -2.67
N SER A 49 -15.30 -1.39 -2.79
CA SER A 49 -14.84 -0.93 -4.11
C SER A 49 -13.51 -1.53 -4.52
N VAL A 50 -13.06 -2.56 -3.80
CA VAL A 50 -11.82 -3.25 -4.18
C VAL A 50 -11.95 -4.73 -3.85
N SER A 51 -11.33 -5.57 -4.68
CA SER A 51 -11.45 -7.02 -4.51
C SER A 51 -10.50 -7.59 -3.45
N LEU A 52 -11.09 -8.14 -2.39
CA LEU A 52 -10.34 -8.72 -1.30
C LEU A 52 -10.10 -10.19 -1.59
N PRO A 53 -9.10 -10.79 -0.94
CA PRO A 53 -8.26 -10.16 0.09
C PRO A 53 -7.14 -9.33 -0.52
N LEU A 54 -6.58 -8.43 0.27
CA LEU A 54 -5.41 -7.68 -0.17
C LEU A 54 -4.20 -8.59 -0.04
N ARG A 55 -3.17 -8.33 -0.84
CA ARG A 55 -1.90 -9.04 -0.71
C ARG A 55 -0.77 -8.02 -0.61
N VAL A 56 0.30 -8.41 0.07
CA VAL A 56 1.52 -7.60 0.05
C VAL A 56 2.67 -8.43 -0.50
N ARG A 57 3.36 -7.89 -1.47
CA ARG A 57 4.38 -8.62 -2.17
C ARG A 57 5.47 -7.71 -2.70
N THR A 58 6.56 -8.31 -3.16
CA THR A 58 7.71 -7.55 -3.62
C THR A 58 7.56 -7.29 -5.12
N ARG A 59 8.40 -6.41 -5.64
CA ARG A 59 8.21 -5.92 -7.00
C ARG A 59 8.45 -6.97 -8.07
N ARG A 60 7.74 -6.81 -9.19
CA ARG A 60 8.06 -7.53 -10.42
C ARG A 60 8.35 -6.50 -11.48
N ARG A 61 9.06 -6.88 -12.53
CA ARG A 61 9.32 -5.90 -13.58
C ARG A 61 8.08 -5.68 -14.44
N GLY A 62 7.86 -4.43 -14.82
CA GLY A 62 6.62 -4.05 -15.49
C GLY A 62 5.59 -3.45 -14.53
N ASP A 63 5.82 -3.61 -13.23
CA ASP A 63 4.85 -3.12 -12.26
C ASP A 63 4.57 -1.64 -12.46
N ARG A 64 3.29 -1.33 -12.60
CA ARG A 64 2.85 0.06 -12.72
C ARG A 64 1.60 0.27 -11.88
N MET A 65 1.40 1.52 -11.46
CA MET A 65 0.25 1.87 -10.66
C MET A 65 -0.31 3.18 -11.21
N VAL A 66 -1.61 3.39 -11.02
CA VAL A 66 -2.24 4.61 -11.50
C VAL A 66 -2.31 5.64 -10.38
N LEU A 67 -1.75 6.83 -10.63
CA LEU A 67 -1.66 7.86 -9.60
C LEU A 67 -2.97 8.57 -9.39
N LYS A 68 -3.09 9.27 -8.26
CA LYS A 68 -4.28 10.08 -7.98
C LYS A 68 -4.49 11.17 -9.02
N GLY A 69 -5.71 11.67 -9.12
CA GLY A 69 -6.04 12.74 -10.03
C GLY A 69 -5.62 12.41 -11.46
N THR A 70 -5.03 13.39 -12.15
CA THR A 70 -4.61 13.19 -13.52
C THR A 70 -3.14 12.81 -13.61
N GLY A 71 -2.57 12.40 -12.47
CA GLY A 71 -1.21 11.91 -12.42
C GLY A 71 -0.78 11.00 -13.56
N GLY A 72 -1.66 10.07 -13.95
CA GLY A 72 -1.33 9.08 -14.98
C GLY A 72 -0.77 7.80 -14.38
N THR A 73 -0.45 6.83 -15.24
CA THR A 73 0.16 5.57 -14.83
C THR A 73 1.66 5.71 -14.66
N LYS A 74 2.21 5.20 -13.57
CA LYS A 74 3.66 5.30 -13.36
C LYS A 74 4.31 3.96 -13.00
N LYS A 75 5.41 3.65 -13.69
CA LYS A 75 6.16 2.43 -13.40
C LYS A 75 6.77 2.50 -11.99
N LEU A 76 6.70 1.40 -11.26
CA LEU A 76 7.24 1.34 -9.91
C LEU A 76 8.76 1.60 -9.86
N LYS A 77 9.49 1.12 -10.85
CA LYS A 77 10.92 1.34 -10.94
C LYS A 77 11.25 2.83 -10.86
N GLU A 78 10.53 3.62 -11.66
CA GLU A 78 10.72 5.07 -11.68
C GLU A 78 10.51 5.68 -10.29
N ILE A 79 9.51 5.17 -9.57
CA ILE A 79 9.22 5.67 -8.22
C ILE A 79 10.39 5.41 -7.27
N PHE A 80 10.98 4.23 -7.36
CA PHE A 80 12.12 3.88 -6.51
C PHE A 80 13.34 4.71 -6.83
N ILE A 81 13.54 5.02 -8.11
CA ILE A 81 14.71 5.79 -8.51
C ILE A 81 14.57 7.23 -8.03
N GLU A 82 13.43 7.84 -8.34
CA GLU A 82 13.18 9.21 -7.92
C GLU A 82 13.32 9.36 -6.40
N ALA A 83 13.05 8.28 -5.68
CA ALA A 83 13.14 8.31 -4.22
C ALA A 83 14.54 7.96 -3.75
N LYS A 84 15.45 7.78 -4.71
CA LYS A 84 16.82 7.35 -4.42
C LYS A 84 16.85 6.19 -3.44
N ILE A 85 16.00 5.18 -3.66
CA ILE A 85 16.03 3.96 -2.86
C ILE A 85 17.12 3.01 -3.37
N PRO A 86 18.01 2.57 -2.47
CA PRO A 86 19.08 1.63 -2.82
C PRO A 86 18.52 0.35 -3.44
N ARG A 87 19.17 -0.12 -4.49
CA ARG A 87 18.73 -1.30 -5.23
C ARG A 87 18.31 -2.47 -4.33
N MET A 88 19.05 -2.68 -3.25
CA MET A 88 18.76 -3.81 -2.36
C MET A 88 17.45 -3.64 -1.59
N GLU A 89 17.12 -2.41 -1.22
CA GLU A 89 15.90 -2.22 -0.44
C GLU A 89 14.63 -2.25 -1.31
N ARG A 90 14.76 -2.04 -2.62
CA ARG A 90 13.59 -2.12 -3.50
C ARG A 90 13.11 -3.56 -3.72
N ASP A 91 14.07 -4.48 -3.89
CA ASP A 91 13.76 -5.90 -4.05
C ASP A 91 13.02 -6.45 -2.84
N ARG A 92 12.99 -5.66 -1.79
CA ARG A 92 12.51 -6.10 -0.49
C ARG A 92 11.32 -5.22 -0.06
N TRP A 93 10.99 -4.24 -0.89
CA TRP A 93 9.96 -3.26 -0.54
C TRP A 93 8.54 -3.81 -0.72
N PRO A 94 7.70 -3.68 0.33
CA PRO A 94 6.31 -4.14 0.23
C PRO A 94 5.54 -3.40 -0.87
N ILE A 95 4.72 -4.14 -1.60
CA ILE A 95 3.74 -3.56 -2.50
C ILE A 95 2.37 -4.12 -2.16
N VAL A 96 1.40 -3.24 -1.93
CA VAL A 96 0.06 -3.67 -1.57
C VAL A 96 -0.85 -3.67 -2.80
N GLU A 97 -1.34 -4.85 -3.16
CA GLU A 97 -2.24 -5.02 -4.29
C GLU A 97 -3.55 -5.60 -3.81
N ASP A 98 -4.59 -5.52 -4.64
CA ASP A 98 -5.83 -6.23 -4.36
C ASP A 98 -5.82 -7.61 -5.00
N ALA A 99 -6.87 -8.38 -4.74
CA ALA A 99 -6.91 -9.77 -5.20
C ALA A 99 -6.89 -9.90 -6.73
N ASP A 100 -7.12 -8.79 -7.42
CA ASP A 100 -7.09 -8.78 -8.88
C ASP A 100 -5.72 -8.40 -9.43
N GLY A 101 -4.80 -7.97 -8.56
CA GLY A 101 -3.49 -7.55 -9.00
C GLY A 101 -3.30 -6.05 -9.20
N ARG A 102 -4.35 -5.27 -8.95
CA ARG A 102 -4.22 -3.81 -8.99
C ARG A 102 -3.33 -3.31 -7.85
N ILE A 103 -2.28 -2.57 -8.19
CA ILE A 103 -1.38 -2.02 -7.17
C ILE A 103 -2.00 -0.78 -6.54
N LEU A 104 -2.29 -0.87 -5.25
CA LEU A 104 -3.06 0.17 -4.57
C LEU A 104 -2.17 1.20 -3.89
N TRP A 105 -0.99 0.74 -3.47
CA TRP A 105 -0.17 1.48 -2.52
C TRP A 105 1.22 0.88 -2.47
N VAL A 106 2.22 1.75 -2.49
CA VAL A 106 3.59 1.34 -2.21
C VAL A 106 3.93 2.03 -0.92
N PRO A 107 3.80 1.31 0.20
CA PRO A 107 3.93 1.92 1.53
C PRO A 107 5.13 2.84 1.61
N GLY A 108 4.90 4.06 2.07
CA GLY A 108 5.99 5.00 2.26
C GLY A 108 6.42 5.77 1.04
N LEU A 109 5.87 5.45 -0.13
CA LEU A 109 6.37 6.05 -1.38
C LEU A 109 5.31 6.67 -2.29
N LYS A 110 4.16 6.01 -2.42
CA LYS A 110 3.16 6.46 -3.39
C LYS A 110 1.79 5.83 -3.15
N LYS A 111 0.74 6.62 -3.38
CA LYS A 111 -0.62 6.09 -3.32
C LYS A 111 -1.24 6.09 -4.70
N SER A 112 -2.10 5.10 -4.96
CA SER A 112 -2.80 5.01 -6.24
C SER A 112 -4.14 5.74 -6.18
N ALA A 113 -4.82 5.77 -7.32
CA ALA A 113 -6.15 6.38 -7.41
C ALA A 113 -7.16 5.52 -6.66
N PHE A 114 -6.73 4.34 -6.24
CA PHE A 114 -7.65 3.42 -5.58
C PHE A 114 -7.84 3.68 -4.10
N GLU A 115 -7.13 4.66 -3.54
CA GLU A 115 -7.38 5.02 -2.14
C GLU A 115 -8.80 5.54 -1.98
N ALA A 116 -9.46 5.15 -0.90
CA ALA A 116 -10.82 5.60 -0.65
C ALA A 116 -10.90 7.12 -0.53
N GLN A 117 -11.98 7.69 -1.05
CA GLN A 117 -12.32 9.07 -0.75
C GLN A 117 -13.39 9.07 0.33
N ASN A 118 -13.63 10.21 0.94
CA ASN A 118 -14.59 10.33 2.04
C ASN A 118 -16.00 10.48 1.50
N ARG A 119 -16.70 9.37 1.32
CA ARG A 119 -17.95 9.38 0.56
C ARG A 119 -19.14 8.78 1.31
N GLY A 120 -19.08 8.77 2.63
CA GLY A 120 -20.18 8.25 3.42
C GLY A 120 -20.23 6.73 3.55
N GLN A 121 -19.15 6.06 3.19
CA GLN A 121 -19.07 4.61 3.34
C GLN A 121 -19.21 4.21 4.80
N ALA A 122 -19.88 3.07 5.03
CA ALA A 122 -20.15 2.59 6.37
C ALA A 122 -18.88 2.17 7.11
N ARG A 123 -17.89 1.71 6.36
CA ARG A 123 -16.74 1.06 6.96
C ARG A 123 -15.53 1.11 6.01
N TYR A 124 -14.34 1.31 6.57
CA TYR A 124 -13.10 1.33 5.80
C TYR A 124 -12.10 0.32 6.35
N ILE A 125 -11.15 -0.08 5.51
CA ILE A 125 -9.96 -0.79 5.96
C ILE A 125 -8.85 0.25 6.09
N LEU A 126 -8.25 0.31 7.28
CA LEU A 126 -7.18 1.26 7.55
C LEU A 126 -5.84 0.54 7.64
N LEU A 127 -4.87 1.05 6.89
CA LEU A 127 -3.55 0.45 6.81
C LEU A 127 -2.50 1.43 7.34
N GLN A 128 -1.49 0.89 8.01
CA GLN A 128 -0.39 1.70 8.54
C GLN A 128 0.93 0.98 8.26
N TYR A 129 1.95 1.75 7.94
CA TYR A 129 3.27 1.21 7.64
C TYR A 129 4.25 1.76 8.66
N GLN A 130 4.85 0.89 9.47
CA GLN A 130 5.76 1.36 10.50
C GLN A 130 6.97 0.45 10.72
N ALA A 131 8.09 1.06 11.10
CA ALA A 131 9.34 0.33 11.35
C ALA A 131 9.32 -0.39 12.70
N MET A 132 10.04 -1.50 12.80
CA MET A 132 10.24 -2.18 14.08
C MET A 132 11.35 -1.58 14.94
N ASN A 133 11.92 -0.47 14.50
CA ASN A 133 12.86 0.28 15.32
C ASN A 133 12.14 1.09 16.41
N SER A 134 12.80 2.14 16.88
CA SER A 134 12.26 2.96 17.96
C SER A 134 12.93 4.33 18.00
#